data_9K0F
#
_entry.id   9K0F
#
_cell.length_a   1.00
_cell.length_b   1.00
_cell.length_c   1.00
_cell.angle_alpha   90.00
_cell.angle_beta   90.00
_cell.angle_gamma   90.00
#
_symmetry.space_group_name_H-M   'P 1'
#
loop_
_entity.id
_entity.type
_entity.pdbx_description
1 polymer 'Amyloid-beta A4 protein'
2 polymer 'Amyloid-beta protein 40'
3 water water
#
loop_
_entity_poly.entity_id
_entity_poly.type
_entity_poly.pdbx_seq_one_letter_code
_entity_poly.pdbx_strand_id
1 'polypeptide(L)' DAEFRHDSGYEVHHQKLVFFAEDVGSNKGAIIGLMVGGVVIA E,G,I,D,H,L,F,J,M
2 'polypeptide(L)' GYEVHHQKLVFFA K,N,O
#
# COMPACT_ATOMS: atom_id res chain seq x y z
N SER A 8 35.10 6.47 6.35
CA SER A 8 33.75 5.90 6.36
C SER A 8 32.79 6.77 5.55
N GLY A 9 31.50 6.64 5.85
CA GLY A 9 30.49 7.43 5.18
C GLY A 9 29.58 6.62 4.28
N TYR A 10 28.27 6.77 4.48
CA TYR A 10 27.27 6.12 3.66
C TYR A 10 26.83 7.07 2.56
N GLU A 11 26.30 6.52 1.48
CA GLU A 11 25.94 7.34 0.33
C GLU A 11 24.96 6.58 -0.53
N VAL A 12 23.75 7.09 -0.67
CA VAL A 12 22.70 6.44 -1.45
C VAL A 12 22.16 7.45 -2.44
N HIS A 13 22.33 7.16 -3.73
CA HIS A 13 21.74 7.97 -4.78
C HIS A 13 20.67 7.15 -5.49
N HIS A 14 19.65 7.83 -5.99
CA HIS A 14 18.50 7.15 -6.56
C HIS A 14 17.82 8.08 -7.55
N GLN A 15 17.88 7.71 -8.83
CA GLN A 15 17.22 8.47 -9.89
C GLN A 15 16.19 7.58 -10.55
N LYS A 16 14.98 8.08 -10.74
CA LYS A 16 14.00 7.34 -11.51
C LYS A 16 13.19 8.29 -12.35
N LEU A 17 12.90 7.86 -13.58
CA LEU A 17 12.15 8.63 -14.55
C LEU A 17 11.05 7.74 -15.09
N VAL A 18 9.80 8.12 -14.83
CA VAL A 18 8.64 7.27 -15.08
C VAL A 18 7.72 7.98 -16.06
N PHE A 19 7.23 7.24 -17.05
CA PHE A 19 6.29 7.77 -18.04
C PHE A 19 5.20 6.73 -18.26
N PHE A 20 3.96 7.09 -17.94
CA PHE A 20 2.82 6.19 -18.08
C PHE A 20 1.87 6.69 -19.15
N ALA A 21 1.30 5.76 -19.92
CA ALA A 21 0.35 6.11 -20.96
C ALA A 21 -1.07 6.05 -20.41
N GLU A 22 -2.07 6.05 -21.30
CA GLU A 22 -3.42 6.50 -20.99
C GLU A 22 -3.99 6.01 -19.67
N ASP A 23 -4.17 4.71 -19.48
CA ASP A 23 -4.80 4.25 -18.23
C ASP A 23 -4.07 3.01 -17.70
N VAL A 24 -3.01 3.26 -16.95
CA VAL A 24 -2.20 2.20 -16.37
C VAL A 24 -2.70 1.92 -14.96
N GLY A 25 -2.99 0.66 -14.68
CA GLY A 25 -3.40 0.28 -13.34
C GLY A 25 -4.74 0.82 -12.90
N SER A 26 -5.71 0.90 -13.81
CA SER A 26 -7.00 1.51 -13.51
C SER A 26 -8.08 0.45 -13.45
N ASN A 27 -9.01 0.61 -12.51
CA ASN A 27 -10.16 -0.27 -12.39
C ASN A 27 -11.37 0.29 -13.13
N LYS A 28 -11.20 0.64 -14.40
CA LYS A 28 -12.25 1.32 -15.14
C LYS A 28 -13.31 0.30 -15.54
N GLY A 29 -14.51 0.43 -14.99
CA GLY A 29 -15.59 -0.47 -15.30
C GLY A 29 -15.57 -1.77 -14.54
N ALA A 30 -14.69 -1.92 -13.57
CA ALA A 30 -14.56 -3.17 -12.84
C ALA A 30 -15.60 -3.25 -11.73
N ILE A 31 -15.80 -4.47 -11.24
CA ILE A 31 -16.69 -4.72 -10.11
C ILE A 31 -15.83 -5.38 -9.03
N ILE A 32 -15.41 -4.59 -8.05
CA ILE A 32 -14.56 -5.07 -6.97
C ILE A 32 -15.42 -5.32 -5.75
N GLY A 33 -15.26 -6.50 -5.15
CA GLY A 33 -15.85 -6.79 -3.86
C GLY A 33 -14.75 -7.26 -2.93
N LEU A 34 -14.46 -6.49 -1.89
CA LEU A 34 -13.28 -6.70 -1.09
C LEU A 34 -13.66 -6.78 0.38
N MET A 35 -12.91 -7.57 1.13
CA MET A 35 -13.29 -7.85 2.51
C MET A 35 -12.04 -8.24 3.29
N VAL A 36 -11.56 -7.36 4.16
CA VAL A 36 -10.41 -7.62 5.01
C VAL A 36 -10.95 -7.74 6.43
N GLY A 37 -11.21 -8.96 6.86
CA GLY A 37 -11.86 -9.16 8.13
C GLY A 37 -13.34 -8.82 8.03
N GLY A 38 -14.00 -8.88 9.17
CA GLY A 38 -15.41 -8.61 9.22
C GLY A 38 -16.26 -9.87 9.12
N VAL A 39 -17.56 -9.69 9.35
CA VAL A 39 -18.51 -10.79 9.40
C VAL A 39 -19.74 -10.39 8.59
N VAL A 40 -20.20 -11.28 7.73
CA VAL A 40 -21.40 -11.08 6.93
C VAL A 40 -22.29 -12.29 7.12
N ILE A 41 -23.45 -12.10 7.73
CA ILE A 41 -24.42 -13.16 7.93
C ILE A 41 -25.58 -12.88 7.00
N ALA A 42 -25.55 -13.47 5.80
CA ALA A 42 -26.63 -13.29 4.84
C ALA A 42 -27.62 -14.44 4.93
N VAL B 12 -43.59 -24.60 5.32
CA VAL B 12 -42.13 -24.75 5.24
C VAL B 12 -41.47 -24.05 6.42
N HIS B 13 -40.82 -24.83 7.26
CA HIS B 13 -40.10 -24.26 8.38
C HIS B 13 -38.72 -23.78 7.93
N HIS B 14 -38.01 -23.15 8.86
CA HIS B 14 -36.68 -22.63 8.56
C HIS B 14 -36.03 -22.26 9.89
N GLN B 15 -34.71 -22.26 9.90
CA GLN B 15 -33.97 -21.94 11.11
C GLN B 15 -32.54 -21.63 10.76
N LYS B 16 -31.90 -20.82 11.59
CA LYS B 16 -30.51 -20.45 11.36
C LYS B 16 -29.95 -19.95 12.69
N LEU B 17 -29.05 -20.71 13.30
CA LEU B 17 -28.40 -20.33 14.54
C LEU B 17 -26.94 -20.04 14.28
N VAL B 18 -26.42 -19.01 14.93
CA VAL B 18 -25.04 -18.59 14.74
C VAL B 18 -24.50 -18.17 16.10
N PHE B 19 -23.41 -18.78 16.54
CA PHE B 19 -22.78 -18.48 17.82
C PHE B 19 -21.29 -18.23 17.58
N PHE B 20 -20.86 -16.99 17.70
CA PHE B 20 -19.45 -16.62 17.63
C PHE B 20 -18.99 -16.22 19.01
N ALA B 21 -17.76 -16.57 19.37
CA ALA B 21 -17.31 -16.33 20.74
C ALA B 21 -16.38 -15.13 20.87
N GLU B 22 -15.22 -15.13 20.22
CA GLU B 22 -14.32 -14.01 20.45
C GLU B 22 -13.47 -13.76 19.22
N ASP B 23 -13.29 -12.49 18.88
CA ASP B 23 -12.39 -12.03 17.84
C ASP B 23 -12.65 -12.69 16.50
N VAL B 24 -13.84 -13.28 16.31
CA VAL B 24 -14.16 -13.93 15.05
C VAL B 24 -14.22 -12.86 13.97
N GLY B 25 -13.29 -12.92 13.01
CA GLY B 25 -13.27 -11.93 11.95
C GLY B 25 -12.71 -10.60 12.36
N SER B 26 -11.84 -10.57 13.36
CA SER B 26 -11.33 -9.35 13.95
C SER B 26 -10.00 -8.95 13.33
N ASN B 27 -9.72 -7.64 13.39
CA ASN B 27 -8.45 -7.09 12.92
C ASN B 27 -7.66 -6.43 14.03
N LYS B 28 -7.86 -6.82 15.28
CA LYS B 28 -7.31 -6.07 16.39
C LYS B 28 -5.79 -6.20 16.43
N GLY B 29 -5.11 -5.07 16.37
CA GLY B 29 -3.67 -5.04 16.38
C GLY B 29 -3.02 -5.10 15.04
N ALA B 30 -3.79 -5.08 13.95
CA ALA B 30 -3.25 -5.25 12.62
C ALA B 30 -2.85 -3.92 12.02
N ILE B 31 -1.88 -3.97 11.12
CA ILE B 31 -1.47 -2.81 10.33
C ILE B 31 -1.90 -3.09 8.90
N ILE B 32 -2.91 -2.37 8.43
CA ILE B 32 -3.55 -2.66 7.16
C ILE B 32 -3.37 -1.45 6.25
N GLY B 33 -2.56 -1.60 5.21
CA GLY B 33 -2.46 -0.59 4.18
C GLY B 33 -3.17 -1.06 2.94
N LEU B 34 -4.19 -0.34 2.50
CA LEU B 34 -5.09 -0.83 1.47
C LEU B 34 -5.26 0.24 0.40
N MET B 35 -5.54 -0.20 -0.82
CA MET B 35 -5.54 0.71 -1.96
C MET B 35 -6.37 0.11 -3.08
N VAL B 36 -7.45 0.79 -3.44
CA VAL B 36 -8.29 0.38 -4.56
C VAL B 36 -8.28 1.55 -5.53
N GLY B 37 -7.38 1.52 -6.50
CA GLY B 37 -7.20 2.65 -7.38
C GLY B 37 -6.45 3.76 -6.69
N GLY B 38 -6.23 4.83 -7.43
CA GLY B 38 -5.50 5.96 -6.90
C GLY B 38 -4.01 5.85 -7.14
N VAL B 39 -3.31 6.91 -6.77
CA VAL B 39 -1.88 7.04 -7.03
C VAL B 39 -1.19 7.44 -5.75
N VAL B 40 -0.06 6.79 -5.46
CA VAL B 40 0.80 7.15 -4.35
C VAL B 40 2.20 7.37 -4.90
N ILE B 41 2.73 8.58 -4.71
CA ILE B 41 4.08 8.92 -5.15
C ILE B 41 4.94 9.08 -3.91
N ALA B 42 6.03 8.32 -3.85
CA ALA B 42 6.96 8.35 -2.72
C ALA B 42 6.24 8.03 -1.43
N SER C 26 13.58 -1.86 24.88
CA SER C 26 14.67 -0.96 24.55
C SER C 26 15.12 -1.15 23.12
N ASN C 27 15.35 -0.05 22.40
CA ASN C 27 15.94 -0.12 21.07
C ASN C 27 16.38 1.27 20.64
N LYS C 28 17.58 1.34 20.07
CA LYS C 28 18.05 2.52 19.36
C LYS C 28 18.24 2.27 17.87
N GLY C 29 17.58 1.26 17.32
CA GLY C 29 17.56 1.07 15.90
C GLY C 29 16.29 1.61 15.29
N ALA C 30 15.66 0.85 14.40
CA ALA C 30 14.41 1.23 13.79
C ALA C 30 13.48 0.02 13.74
N ILE C 31 12.20 0.24 14.04
CA ILE C 31 11.19 -0.80 13.95
C ILE C 31 10.04 -0.24 13.14
N ILE C 32 9.75 -0.87 12.00
CA ILE C 32 8.76 -0.36 11.05
C ILE C 32 7.79 -1.48 10.71
N GLY C 33 6.51 -1.14 10.62
CA GLY C 33 5.49 -2.10 10.25
C GLY C 33 5.26 -2.22 8.75
N LEU C 34 4.91 -1.12 8.10
CA LEU C 34 4.66 -1.09 6.67
C LEU C 34 5.17 0.22 6.11
N MET C 35 6.15 0.14 5.20
CA MET C 35 6.88 1.30 4.74
C MET C 35 6.83 1.36 3.22
N VAL C 36 6.40 2.50 2.69
CA VAL C 36 6.32 2.71 1.25
C VAL C 36 7.11 3.97 0.95
N GLY C 37 8.33 3.81 0.45
CA GLY C 37 9.20 4.94 0.23
C GLY C 37 9.62 5.58 1.54
N GLY C 38 10.33 6.69 1.41
CA GLY C 38 10.77 7.41 2.59
C GLY C 38 12.14 6.96 3.08
N VAL C 39 12.72 7.78 3.95
CA VAL C 39 14.08 7.60 4.44
C VAL C 39 14.03 7.51 5.95
N VAL C 40 14.64 6.47 6.51
CA VAL C 40 14.75 6.30 7.95
C VAL C 40 16.23 6.11 8.28
N ILE C 41 16.75 6.98 9.13
CA ILE C 41 18.16 6.93 9.53
C ILE C 41 18.17 6.84 11.05
N ALA C 42 18.26 5.62 11.56
CA ALA C 42 18.25 5.41 13.01
C ALA C 42 19.34 4.43 13.41
N GLY D 1 35.78 17.01 -5.78
CA GLY D 1 35.11 16.82 -7.06
C GLY D 1 33.68 17.32 -7.05
N TYR D 2 32.96 17.11 -8.15
CA TYR D 2 31.58 17.54 -8.26
C TYR D 2 30.69 16.35 -8.57
N GLU D 3 29.54 16.29 -7.92
CA GLU D 3 28.60 15.18 -8.06
C GLU D 3 27.31 15.75 -8.65
N VAL D 4 27.26 15.83 -9.97
CA VAL D 4 26.12 16.40 -10.67
C VAL D 4 25.16 15.28 -11.06
N HIS D 5 23.90 15.45 -10.68
CA HIS D 5 22.88 14.46 -11.00
C HIS D 5 21.70 15.18 -11.64
N HIS D 6 21.54 15.06 -12.95
CA HIS D 6 20.40 15.67 -13.61
C HIS D 6 19.66 14.65 -14.46
N GLN D 7 18.52 15.09 -14.99
CA GLN D 7 17.68 14.23 -15.81
C GLN D 7 16.63 15.09 -16.50
N LYS D 8 16.41 14.82 -17.78
CA LYS D 8 15.53 15.63 -18.60
C LYS D 8 14.40 14.78 -19.13
N LEU D 9 13.39 15.44 -19.68
CA LEU D 9 12.29 14.78 -20.36
C LEU D 9 11.71 15.79 -21.34
N VAL D 10 11.88 15.53 -22.63
CA VAL D 10 11.39 16.40 -23.68
C VAL D 10 10.29 15.65 -24.41
N PHE D 11 9.15 16.30 -24.58
CA PHE D 11 7.95 15.64 -25.07
C PHE D 11 7.28 16.58 -26.06
N PHE D 12 7.13 16.13 -27.30
CA PHE D 12 6.38 16.85 -28.32
C PHE D 12 5.09 16.11 -28.59
N ALA D 13 4.01 16.86 -28.83
CA ALA D 13 2.72 16.27 -29.11
C ALA D 13 1.80 17.25 -29.84
N SER E 8 37.07 2.74 4.04
CA SER E 8 35.75 2.13 4.07
C SER E 8 34.74 2.98 3.31
N GLY E 9 33.46 2.84 3.67
CA GLY E 9 32.41 3.63 3.05
C GLY E 9 31.52 2.84 2.13
N TYR E 10 30.21 2.92 2.36
CA TYR E 10 29.22 2.26 1.52
C TYR E 10 28.77 3.22 0.44
N GLU E 11 28.24 2.66 -0.65
CA GLU E 11 27.85 3.48 -1.79
C GLU E 11 26.88 2.71 -2.66
N VAL E 12 25.65 3.20 -2.77
CA VAL E 12 24.62 2.55 -3.56
C VAL E 12 24.09 3.56 -4.56
N HIS E 13 24.16 3.21 -5.84
CA HIS E 13 23.57 4.01 -6.90
C HIS E 13 22.48 3.20 -7.59
N HIS E 14 21.46 3.88 -8.08
CA HIS E 14 20.31 3.21 -8.65
C HIS E 14 19.65 4.13 -9.65
N GLN E 15 19.65 3.74 -10.92
CA GLN E 15 18.98 4.48 -11.97
C GLN E 15 17.95 3.57 -12.61
N LYS E 16 16.75 4.08 -12.83
CA LYS E 16 15.77 3.32 -13.58
C LYS E 16 14.93 4.26 -14.42
N LEU E 17 14.65 3.83 -15.64
CA LEU E 17 13.87 4.58 -16.61
C LEU E 17 12.76 3.69 -17.11
N VAL E 18 11.52 4.06 -16.83
CA VAL E 18 10.36 3.21 -17.06
C VAL E 18 9.43 3.91 -18.04
N PHE E 19 8.93 3.17 -19.02
CA PHE E 19 8.00 3.69 -20.01
C PHE E 19 6.91 2.65 -20.23
N PHE E 20 5.67 3.00 -19.91
CA PHE E 20 4.55 2.08 -20.02
C PHE E 20 3.58 2.56 -21.09
N ALA E 21 3.00 1.60 -21.81
CA ALA E 21 2.04 1.89 -22.88
C ALA E 21 0.62 1.89 -22.30
N GLU E 22 -0.39 1.85 -23.16
CA GLU E 22 -1.75 2.28 -22.85
C GLU E 22 -2.29 1.80 -21.50
N ASP E 23 -2.45 0.49 -21.31
CA ASP E 23 -3.05 0.02 -20.07
C ASP E 23 -2.31 -1.21 -19.54
N VAL E 24 -1.28 -0.95 -18.75
CA VAL E 24 -0.45 -1.98 -18.16
C VAL E 24 -0.93 -2.21 -16.73
N GLY E 25 -1.14 -3.47 -16.37
CA GLY E 25 -1.59 -3.79 -15.03
C GLY E 25 -2.99 -3.30 -14.70
N SER E 26 -3.87 -3.27 -15.69
CA SER E 26 -5.18 -2.66 -15.57
C SER E 26 -6.25 -3.71 -15.35
N ASN E 27 -7.12 -3.47 -14.37
CA ASN E 27 -8.29 -4.32 -14.12
C ASN E 27 -9.51 -3.81 -14.87
N LYS E 28 -9.38 -3.53 -16.15
CA LYS E 28 -10.46 -2.88 -16.89
C LYS E 28 -11.51 -3.92 -17.25
N GLY E 29 -12.72 -3.74 -16.72
CA GLY E 29 -13.80 -4.66 -17.00
C GLY E 29 -13.78 -5.94 -16.23
N ALA E 30 -12.87 -6.08 -15.27
CA ALA E 30 -12.74 -7.32 -14.54
C ALA E 30 -13.78 -7.42 -13.44
N ILE E 31 -13.92 -8.62 -12.87
CA ILE E 31 -14.80 -8.87 -11.74
C ILE E 31 -13.93 -9.51 -10.66
N ILE E 32 -13.53 -8.73 -9.67
CA ILE E 32 -12.66 -9.19 -8.60
C ILE E 32 -13.51 -9.47 -7.37
N GLY E 33 -13.31 -10.63 -6.78
CA GLY E 33 -13.87 -10.95 -5.48
C GLY E 33 -12.77 -11.38 -4.55
N LEU E 34 -12.49 -10.62 -3.52
CA LEU E 34 -11.29 -10.77 -2.72
C LEU E 34 -11.66 -10.85 -1.25
N MET E 35 -10.94 -11.67 -0.51
CA MET E 35 -11.30 -11.94 0.88
C MET E 35 -10.05 -12.32 1.65
N VAL E 36 -9.53 -11.39 2.45
CA VAL E 36 -8.38 -11.64 3.30
C VAL E 36 -8.90 -11.77 4.72
N GLY E 37 -9.11 -12.99 5.17
CA GLY E 37 -9.74 -13.20 6.46
C GLY E 37 -11.22 -12.87 6.37
N GLY E 38 -11.88 -12.94 7.52
CA GLY E 38 -13.30 -12.66 7.59
C GLY E 38 -14.13 -13.93 7.53
N VAL E 39 -15.42 -13.76 7.78
CA VAL E 39 -16.38 -14.86 7.83
C VAL E 39 -17.61 -14.46 7.04
N VAL E 40 -18.06 -15.37 6.17
CA VAL E 40 -19.28 -15.16 5.39
C VAL E 40 -20.16 -16.39 5.60
N ILE E 41 -21.32 -16.20 6.19
CA ILE E 41 -22.27 -17.27 6.41
C ILE E 41 -23.47 -17.01 5.51
N ALA E 42 -23.47 -17.58 4.32
CA ALA E 42 -24.57 -17.40 3.40
C ALA E 42 -25.58 -18.53 3.53
N VAL F 12 -41.49 -28.77 4.09
CA VAL F 12 -40.05 -28.94 4.00
C VAL F 12 -39.36 -28.23 5.16
N HIS F 13 -38.65 -29.00 5.97
CA HIS F 13 -37.91 -28.44 7.08
C HIS F 13 -36.55 -27.94 6.60
N HIS F 14 -35.82 -27.31 7.52
CA HIS F 14 -34.50 -26.77 7.22
C HIS F 14 -33.85 -26.39 8.54
N GLN F 15 -32.52 -26.39 8.54
CA GLN F 15 -31.78 -26.08 9.75
C GLN F 15 -30.34 -25.77 9.39
N LYS F 16 -29.71 -24.94 10.22
CA LYS F 16 -28.32 -24.57 9.99
C LYS F 16 -27.76 -24.05 11.31
N LEU F 17 -26.85 -24.82 11.91
CA LEU F 17 -26.20 -24.42 13.14
C LEU F 17 -24.73 -24.14 12.87
N VAL F 18 -24.22 -23.07 13.49
CA VAL F 18 -22.83 -22.66 13.30
C VAL F 18 -22.29 -22.23 14.65
N PHE F 19 -21.18 -22.82 15.07
CA PHE F 19 -20.53 -22.49 16.34
C PHE F 19 -19.06 -22.25 16.06
N PHE F 20 -18.57 -21.04 16.32
CA PHE F 20 -17.17 -20.70 16.16
C PHE F 20 -16.55 -20.44 17.52
N ALA F 21 -15.28 -20.80 17.68
CA ALA F 21 -14.64 -20.78 19.00
C ALA F 21 -13.90 -19.49 19.29
N GLU F 22 -12.85 -19.18 18.53
CA GLU F 22 -12.06 -17.99 18.79
C GLU F 22 -11.22 -17.70 17.57
N ASP F 23 -11.06 -16.42 17.25
CA ASP F 23 -10.17 -15.96 16.18
C ASP F 23 -10.45 -16.63 14.85
N VAL F 24 -11.64 -17.20 14.67
CA VAL F 24 -11.96 -17.88 13.41
C VAL F 24 -12.03 -16.82 12.32
N GLY F 25 -11.13 -16.92 11.35
CA GLY F 25 -11.08 -15.93 10.29
C GLY F 25 -10.51 -14.60 10.70
N SER F 26 -9.73 -14.56 11.76
CA SER F 26 -9.18 -13.34 12.33
C SER F 26 -7.89 -12.94 11.65
N ASN F 27 -7.59 -11.65 11.71
CA ASN F 27 -6.34 -11.09 11.21
C ASN F 27 -5.54 -10.41 12.31
N LYS F 28 -5.71 -10.80 13.56
CA LYS F 28 -5.14 -10.02 14.65
C LYS F 28 -3.62 -10.16 14.66
N GLY F 29 -2.93 -9.04 14.60
CA GLY F 29 -1.49 -9.01 14.59
C GLY F 29 -0.86 -9.07 13.22
N ALA F 30 -1.66 -9.09 12.16
CA ALA F 30 -1.14 -9.23 10.82
C ALA F 30 -0.75 -7.90 10.23
N ILE F 31 0.22 -7.94 9.31
CA ILE F 31 0.60 -6.78 8.52
C ILE F 31 0.18 -7.06 7.09
N ILE F 32 -0.82 -6.32 6.62
CA ILE F 32 -1.48 -6.61 5.35
C ILE F 32 -1.32 -5.41 4.45
N GLY F 33 -0.53 -5.57 3.38
CA GLY F 33 -0.46 -4.57 2.34
C GLY F 33 -1.17 -5.06 1.11
N LEU F 34 -2.21 -4.37 0.68
CA LEU F 34 -3.11 -4.86 -0.35
C LEU F 34 -3.31 -3.78 -1.41
N MET F 35 -3.57 -4.23 -2.63
CA MET F 35 -3.59 -3.32 -3.77
C MET F 35 -4.42 -3.92 -4.88
N VAL F 36 -5.54 -3.28 -5.20
CA VAL F 36 -6.40 -3.70 -6.31
C VAL F 36 -6.41 -2.54 -7.30
N GLY F 37 -5.52 -2.58 -8.27
CA GLY F 37 -5.35 -1.46 -9.16
C GLY F 37 -4.60 -0.33 -8.49
N GLY F 38 -4.37 0.72 -9.25
CA GLY F 38 -3.65 1.85 -8.72
C GLY F 38 -2.16 1.75 -8.99
N VAL F 39 -1.46 2.80 -8.59
CA VAL F 39 -0.03 2.94 -8.87
C VAL F 39 0.68 3.36 -7.60
N VAL F 40 1.80 2.73 -7.30
CA VAL F 40 2.68 3.10 -6.21
C VAL F 40 4.07 3.32 -6.78
N ILE F 41 4.60 4.53 -6.61
CA ILE F 41 5.95 4.86 -7.07
C ILE F 41 6.81 5.05 -5.83
N ALA F 42 7.88 4.26 -5.74
CA ALA F 42 8.80 4.26 -4.61
C ALA F 42 8.07 4.02 -3.31
N SER G 26 15.81 -5.66 22.89
CA SER G 26 16.89 -4.76 22.56
C SER G 26 17.32 -4.96 21.12
N ASN G 27 17.55 -3.86 20.40
CA ASN G 27 18.11 -3.94 19.06
C ASN G 27 18.54 -2.55 18.62
N LYS G 28 19.74 -2.47 18.03
CA LYS G 28 20.20 -1.29 17.31
C LYS G 28 20.37 -1.55 15.82
N GLY G 29 19.71 -2.57 15.28
CA GLY G 29 19.67 -2.77 13.86
C GLY G 29 18.39 -2.23 13.26
N ALA G 30 17.77 -3.00 12.38
CA ALA G 30 16.50 -2.64 11.78
C ALA G 30 15.59 -3.85 11.75
N ILE G 31 14.31 -3.64 12.06
CA ILE G 31 13.29 -4.67 12.00
C ILE G 31 12.13 -4.13 11.18
N ILE G 32 11.83 -4.77 10.06
CA ILE G 32 10.83 -4.27 9.11
C ILE G 32 9.86 -5.40 8.79
N GLY G 33 8.58 -5.06 8.71
CA GLY G 33 7.56 -6.03 8.35
C GLY G 33 7.32 -6.16 6.86
N LEU G 34 6.96 -5.06 6.21
CA LEU G 34 6.69 -5.05 4.78
C LEU G 34 7.19 -3.73 4.20
N MET G 35 8.15 -3.82 3.29
CA MET G 35 8.87 -2.65 2.82
C MET G 35 8.81 -2.60 1.30
N VAL G 36 8.37 -1.47 0.76
CA VAL G 36 8.27 -1.26 -0.68
C VAL G 36 9.05 0.00 -1.00
N GLY G 37 10.26 -0.16 -1.50
CA GLY G 37 11.13 0.97 -1.74
C GLY G 37 11.55 1.62 -0.44
N GLY G 38 12.27 2.73 -0.57
CA GLY G 38 12.71 3.47 0.58
C GLY G 38 14.09 3.02 1.07
N VAL G 39 14.67 3.85 1.92
CA VAL G 39 16.04 3.68 2.40
C VAL G 39 16.01 3.60 3.91
N VAL G 40 16.62 2.57 4.47
CA VAL G 40 16.76 2.40 5.92
C VAL G 40 18.23 2.23 6.22
N ILE G 41 18.77 3.10 7.07
CA ILE G 41 20.18 3.06 7.45
C ILE G 41 20.20 2.98 8.97
N ALA G 42 20.30 1.77 9.50
CA ALA G 42 20.31 1.57 10.94
C ALA G 42 21.41 0.60 11.35
N GLY H 1 37.58 13.14 -8.10
CA GLY H 1 36.90 12.95 -9.36
C GLY H 1 35.46 13.44 -9.35
N TYR H 2 34.73 13.22 -10.44
CA TYR H 2 33.35 13.64 -10.53
C TYR H 2 32.46 12.43 -10.83
N GLU H 3 31.32 12.38 -10.16
CA GLU H 3 30.38 11.27 -10.29
C GLU H 3 29.09 11.82 -10.88
N VAL H 4 29.02 11.89 -12.19
CA VAL H 4 27.87 12.46 -12.88
C VAL H 4 26.92 11.33 -13.25
N HIS H 5 25.66 11.50 -12.86
CA HIS H 5 24.64 10.49 -13.17
C HIS H 5 23.45 11.20 -13.80
N HIS H 6 23.27 11.08 -15.10
CA HIS H 6 22.12 11.67 -15.76
C HIS H 6 21.39 10.65 -16.59
N GLN H 7 20.23 11.07 -17.11
CA GLN H 7 19.39 10.21 -17.92
C GLN H 7 18.33 11.05 -18.61
N LYS H 8 18.10 10.79 -19.88
CA LYS H 8 17.20 11.58 -20.69
C LYS H 8 16.07 10.72 -21.21
N LEU H 9 15.06 11.38 -21.76
CA LEU H 9 13.95 10.71 -22.42
C LEU H 9 13.36 11.71 -23.40
N VAL H 10 13.51 11.44 -24.68
CA VAL H 10 13.00 12.31 -25.74
C VAL H 10 11.90 11.55 -26.44
N PHE H 11 10.75 12.18 -26.61
CA PHE H 11 9.55 11.52 -27.08
C PHE H 11 8.87 12.44 -28.07
N PHE H 12 8.72 11.99 -29.31
CA PHE H 12 7.95 12.70 -30.32
C PHE H 12 6.65 11.95 -30.58
N ALA H 13 5.58 12.70 -30.81
CA ALA H 13 4.28 12.09 -31.07
C ALA H 13 3.35 13.06 -31.80
N SER I 8 33.12 10.21 8.51
CA SER I 8 31.76 9.68 8.56
C SER I 8 30.82 10.55 7.74
N GLY I 9 29.52 10.47 8.08
CA GLY I 9 28.52 11.27 7.41
C GLY I 9 27.63 10.48 6.49
N TYR I 10 26.32 10.58 6.70
CA TYR I 10 25.32 9.94 5.86
C TYR I 10 24.92 10.90 4.76
N GLU I 11 24.39 10.36 3.67
CA GLU I 11 24.02 11.19 2.53
C GLU I 11 23.05 10.42 1.65
N VAL I 12 21.84 10.96 1.48
CA VAL I 12 20.81 10.32 0.69
C VAL I 12 20.29 11.33 -0.32
N HIS I 13 20.46 11.05 -1.60
CA HIS I 13 19.90 11.86 -2.67
C HIS I 13 18.83 11.06 -3.39
N HIS I 14 17.83 11.76 -3.89
CA HIS I 14 16.66 11.09 -4.47
C HIS I 14 16.01 12.04 -5.47
N GLN I 15 16.05 11.67 -6.74
CA GLN I 15 15.44 12.44 -7.80
C GLN I 15 14.41 11.57 -8.50
N LYS I 16 13.22 12.11 -8.71
CA LYS I 16 12.23 11.38 -9.50
C LYS I 16 11.44 12.36 -10.35
N LEU I 17 11.16 11.94 -11.57
CA LEU I 17 10.38 12.73 -12.52
C LEU I 17 9.30 11.83 -13.08
N VAL I 18 8.04 12.18 -12.82
CA VAL I 18 6.90 11.33 -13.10
C VAL I 18 5.97 12.05 -14.07
N PHE I 19 5.48 11.32 -15.07
CA PHE I 19 4.56 11.87 -16.06
C PHE I 19 3.48 10.85 -16.31
N PHE I 20 2.23 11.20 -16.04
CA PHE I 20 1.09 10.30 -16.22
C PHE I 20 0.15 10.84 -17.28
N ALA I 21 -0.43 9.94 -18.06
CA ALA I 21 -1.37 10.29 -19.11
C ALA I 21 -2.79 10.22 -18.57
N GLU I 22 -3.78 10.17 -19.46
CA GLU I 22 -5.15 10.62 -19.18
C GLU I 22 -5.71 10.20 -17.84
N ASP I 23 -5.92 8.90 -17.62
CA ASP I 23 -6.54 8.47 -16.36
C ASP I 23 -5.86 7.22 -15.84
N VAL I 24 -4.82 7.42 -15.07
CA VAL I 24 -4.00 6.35 -14.53
C VAL I 24 -4.48 6.06 -13.11
N GLY I 25 -4.82 4.81 -12.85
CA GLY I 25 -5.25 4.42 -11.51
C GLY I 25 -6.60 4.94 -11.10
N SER I 26 -7.53 5.08 -12.03
CA SER I 26 -8.83 5.67 -11.77
C SER I 26 -9.90 4.59 -11.70
N ASN I 27 -10.83 4.75 -10.77
CA ASN I 27 -12.00 3.87 -10.66
C ASN I 27 -13.19 4.43 -11.41
N LYS I 28 -13.00 4.80 -12.67
CA LYS I 28 -14.04 5.49 -13.42
C LYS I 28 -15.10 4.48 -13.84
N GLY I 29 -16.31 4.63 -13.31
CA GLY I 29 -17.39 3.73 -13.64
C GLY I 29 -17.39 2.43 -12.90
N ALA I 30 -16.55 2.29 -11.89
CA ALA I 30 -16.43 1.02 -11.18
C ALA I 30 -17.46 0.93 -10.06
N ILE I 31 -17.67 -0.28 -9.58
CA ILE I 31 -18.55 -0.55 -8.45
C ILE I 31 -17.71 -1.21 -7.38
N ILE I 32 -17.30 -0.45 -6.37
CA ILE I 32 -16.46 -0.93 -5.30
C ILE I 32 -17.33 -1.18 -4.07
N GLY I 33 -17.20 -2.37 -3.49
CA GLY I 33 -17.79 -2.66 -2.20
C GLY I 33 -16.71 -3.16 -1.27
N LEU I 34 -16.41 -2.39 -0.23
CA LEU I 34 -15.23 -2.63 0.58
C LEU I 34 -15.63 -2.71 2.04
N MET I 35 -14.92 -3.53 2.81
CA MET I 35 -15.33 -3.81 4.18
C MET I 35 -14.09 -4.20 4.98
N VAL I 36 -13.60 -3.29 5.81
CA VAL I 36 -12.48 -3.58 6.70
C VAL I 36 -13.02 -3.70 8.11
N GLY I 37 -13.31 -4.92 8.54
CA GLY I 37 -13.97 -5.10 9.80
C GLY I 37 -15.45 -4.78 9.68
N GLY I 38 -16.13 -4.82 10.81
CA GLY I 38 -17.55 -4.54 10.86
C GLY I 38 -18.38 -5.80 10.74
N VAL I 39 -19.69 -5.62 10.95
CA VAL I 39 -20.63 -6.72 10.98
C VAL I 39 -21.85 -6.32 10.17
N VAL I 40 -22.29 -7.22 9.29
CA VAL I 40 -23.50 -7.00 8.48
C VAL I 40 -24.39 -8.21 8.68
N ILE I 41 -25.59 -7.98 9.22
CA ILE I 41 -26.59 -9.03 9.40
C ILE I 41 -27.72 -8.72 8.44
N ALA I 42 -27.75 -9.42 7.31
CA ALA I 42 -28.80 -9.21 6.33
C ALA I 42 -29.79 -10.36 6.36
N VAL J 12 -45.79 -19.84 6.26
CA VAL J 12 -44.58 -20.56 6.61
C VAL J 12 -43.84 -19.86 7.75
N HIS J 13 -43.02 -20.62 8.46
CA HIS J 13 -42.28 -20.08 9.58
C HIS J 13 -40.91 -19.59 9.13
N HIS J 14 -40.18 -18.97 10.06
CA HIS J 14 -38.85 -18.46 9.81
C HIS J 14 -38.23 -18.11 11.16
N GLN J 15 -36.90 -18.10 11.19
CA GLN J 15 -36.19 -17.82 12.43
C GLN J 15 -34.74 -17.53 12.11
N LYS J 16 -34.11 -16.73 12.96
CA LYS J 16 -32.71 -16.36 12.77
C LYS J 16 -32.17 -15.86 14.10
N LEU J 17 -31.29 -16.63 14.72
CA LEU J 17 -30.66 -16.26 15.98
C LEU J 17 -29.19 -15.98 15.72
N VAL J 18 -28.66 -14.94 16.38
CA VAL J 18 -27.28 -14.55 16.22
C VAL J 18 -26.75 -14.13 17.58
N PHE J 19 -25.66 -14.75 18.02
CA PHE J 19 -25.04 -14.44 19.31
C PHE J 19 -23.55 -14.22 19.08
N PHE J 20 -23.12 -12.96 19.17
CA PHE J 20 -21.71 -12.61 19.15
C PHE J 20 -21.31 -12.21 20.56
N ALA J 21 -20.14 -12.64 21.01
CA ALA J 21 -19.78 -12.42 22.41
C ALA J 21 -18.90 -11.18 22.61
N GLU J 22 -17.70 -11.15 22.03
CA GLU J 22 -16.84 -10.00 22.22
C GLU J 22 -15.95 -9.78 21.01
N ASP J 23 -15.70 -8.51 20.69
CA ASP J 23 -14.71 -8.10 19.70
C ASP J 23 -14.92 -8.72 18.33
N VAL J 24 -16.11 -9.26 18.06
CA VAL J 24 -16.36 -9.92 16.77
C VAL J 24 -16.37 -8.85 15.69
N GLY J 25 -15.40 -8.91 14.78
CA GLY J 25 -15.34 -7.97 13.68
C GLY J 25 -14.83 -6.60 14.03
N SER J 26 -14.04 -6.49 15.09
CA SER J 26 -13.57 -5.19 15.56
C SER J 26 -12.21 -4.84 14.97
N ASN J 27 -11.85 -3.57 15.07
CA ASN J 27 -10.57 -3.06 14.61
C ASN J 27 -9.78 -2.44 15.74
N LYS J 28 -10.04 -2.81 16.99
CA LYS J 28 -9.49 -2.07 18.11
C LYS J 28 -7.99 -2.23 18.17
N GLY J 29 -7.28 -1.11 18.12
CA GLY J 29 -5.83 -1.11 18.17
C GLY J 29 -5.16 -1.17 16.82
N ALA J 30 -5.92 -1.14 15.74
CA ALA J 30 -5.36 -1.31 14.41
C ALA J 30 -4.94 0.02 13.83
N ILE J 31 -4.01 -0.04 12.87
CA ILE J 31 -3.57 1.13 12.12
C ILE J 31 -3.96 0.89 10.68
N ILE J 32 -4.99 1.59 10.21
CA ILE J 32 -5.61 1.33 8.92
C ILE J 32 -5.40 2.55 8.04
N GLY J 33 -4.59 2.40 7.00
CA GLY J 33 -4.46 3.42 5.99
C GLY J 33 -5.16 2.97 4.72
N LEU J 34 -6.19 3.69 4.30
CA LEU J 34 -7.07 3.22 3.25
C LEU J 34 -7.22 4.29 2.19
N MET J 35 -7.46 3.85 0.96
CA MET J 35 -7.45 4.76 -0.17
C MET J 35 -8.27 4.18 -1.31
N VAL J 36 -9.34 4.87 -1.67
CA VAL J 36 -10.18 4.47 -2.81
C VAL J 36 -10.16 5.65 -3.78
N GLY J 37 -9.25 5.61 -4.73
CA GLY J 37 -9.05 6.74 -5.61
C GLY J 37 -8.30 7.85 -4.90
N GLY J 38 -8.08 8.94 -5.62
CA GLY J 38 -7.36 10.05 -5.06
C GLY J 38 -5.87 9.96 -5.33
N VAL J 39 -5.15 10.99 -4.92
CA VAL J 39 -3.73 11.11 -5.17
C VAL J 39 -3.04 11.50 -3.87
N VAL J 40 -1.93 10.85 -3.57
CA VAL J 40 -1.07 11.20 -2.45
C VAL J 40 0.33 11.40 -3.00
N ILE J 41 0.87 12.61 -2.81
CA ILE J 41 2.22 12.95 -3.23
C ILE J 41 3.06 13.08 -1.97
N ALA J 42 4.14 12.30 -1.90
CA ALA J 42 5.03 12.29 -0.74
C ALA J 42 4.28 11.98 0.53
N SER K 26 11.35 1.92 26.84
CA SER K 26 12.46 2.81 26.54
C SER K 26 12.91 2.62 25.11
N ASN K 27 13.16 3.73 24.40
CA ASN K 27 13.77 3.66 23.08
C ASN K 27 14.21 5.05 22.65
N LYS K 28 15.42 5.12 22.11
CA LYS K 28 15.91 6.30 21.41
C LYS K 28 16.11 6.05 19.92
N GLY K 29 15.45 5.06 19.35
CA GLY K 29 15.45 4.88 17.92
C GLY K 29 14.18 5.43 17.31
N ALA K 30 13.56 4.67 16.41
CA ALA K 30 12.31 5.06 15.78
C ALA K 30 11.39 3.85 15.72
N ILE K 31 10.11 4.08 16.00
CA ILE K 31 9.08 3.06 15.90
C ILE K 31 7.94 3.63 15.08
N ILE K 32 7.66 3.01 13.94
CA ILE K 32 6.69 3.52 12.98
C ILE K 32 5.72 2.41 12.61
N GLY K 33 4.44 2.76 12.51
CA GLY K 33 3.43 1.81 12.12
C GLY K 33 3.21 1.69 10.63
N LEU K 34 2.87 2.81 9.98
CA LEU K 34 2.63 2.84 8.55
C LEU K 34 3.16 4.15 8.00
N MET K 35 4.14 4.07 7.11
CA MET K 35 4.89 5.24 6.66
C MET K 35 4.85 5.31 5.14
N VAL K 36 4.45 6.44 4.60
CA VAL K 36 4.36 6.67 3.17
C VAL K 36 5.17 7.93 2.88
N GLY K 37 6.40 7.76 2.40
CA GLY K 37 7.28 8.89 2.19
C GLY K 37 7.69 9.52 3.51
N GLY K 38 8.42 10.61 3.40
CA GLY K 38 8.84 11.33 4.58
C GLY K 38 10.21 10.87 5.08
N VAL K 39 10.78 11.68 5.96
CA VAL K 39 12.13 11.48 6.47
C VAL K 39 12.06 11.39 7.98
N VAL K 40 12.66 10.34 8.54
CA VAL K 40 12.76 10.17 9.99
C VAL K 40 14.22 9.97 10.32
N ILE K 41 14.75 10.83 11.19
CA ILE K 41 16.15 10.76 11.61
C ILE K 41 16.14 10.66 13.12
N ALA K 42 16.21 9.45 13.64
CA ALA K 42 16.19 9.23 15.07
C ALA K 42 17.28 8.24 15.49
N GLY L 1 33.99 20.82 -3.46
CA GLY L 1 33.34 20.66 -4.74
C GLY L 1 31.91 21.16 -4.74
N TYR L 2 31.20 20.96 -5.86
CA TYR L 2 29.82 21.39 -5.97
C TYR L 2 28.93 20.21 -6.30
N GLU L 3 27.77 20.17 -5.66
CA GLU L 3 26.83 19.06 -5.82
C GLU L 3 25.55 19.64 -6.42
N VAL L 4 25.51 19.73 -7.74
CA VAL L 4 24.38 20.30 -8.45
C VAL L 4 23.42 19.19 -8.85
N HIS L 5 22.16 19.36 -8.48
CA HIS L 5 21.13 18.38 -8.83
C HIS L 5 19.97 19.12 -9.47
N HIS L 6 19.83 19.00 -10.79
CA HIS L 6 18.69 19.63 -11.46
C HIS L 6 17.96 18.62 -12.32
N GLN L 7 16.82 19.06 -12.86
CA GLN L 7 15.98 18.21 -13.70
C GLN L 7 14.96 19.08 -14.39
N LYS L 8 14.75 18.83 -15.68
CA LYS L 8 13.87 19.64 -16.50
C LYS L 8 12.75 18.80 -17.05
N LEU L 9 11.75 19.48 -17.61
CA LEU L 9 10.66 18.84 -18.31
C LEU L 9 10.09 19.85 -19.28
N VAL L 10 10.27 19.60 -20.57
CA VAL L 10 9.80 20.47 -21.63
C VAL L 10 8.70 19.73 -22.36
N PHE L 11 7.56 20.39 -22.54
CA PHE L 11 6.36 19.73 -23.05
C PHE L 11 5.71 20.68 -24.05
N PHE L 12 5.58 20.25 -25.29
CA PHE L 12 4.85 20.98 -26.31
C PHE L 12 3.55 20.25 -26.61
N ALA L 13 2.49 21.01 -26.84
CA ALA L 13 1.19 20.42 -27.15
C ALA L 13 0.29 21.41 -27.88
#